data_6TD9
#
_entry.id   6TD9
#
_cell.length_a   53.304
_cell.length_b   59.317
_cell.length_c   158.542
_cell.angle_alpha   90.000
_cell.angle_beta   90.000
_cell.angle_gamma   90.000
#
_symmetry.space_group_name_H-M   'P 21 21 21'
#
loop_
_entity.id
_entity.type
_entity.pdbx_description
1 polymer PA1624
2 non-polymer 1,2-ETHANEDIOL
3 non-polymer '4-(2-HYDROXYETHYL)-1-PIPERAZINE ETHANESULFONIC ACID'
4 non-polymer 'PHOSPHATE ION'
5 water water
#
_entity_poly.entity_id   1
_entity_poly.type   'polypeptide(L)'
_entity_poly.pdbx_seq_one_letter_code
;ADLPGSHDLDILPRFPRAEIVDFRQAPSEERIYPLGAISRISGRLR(MSE)EGEVRAEGELTALTYRLPPEHSSQEAFAA
ARTALLKADATPLFWCERRDCGSSSLLANAVFGNAKLYGPDEQQAYLLVRLAAPQENSLVAVYSITRGNRRAYLQAEELK
ADAPLAELLPSPATLLRLLKANGELTLSHVPAEPAGSWLELLVRTLRLDTGVRVELSGKHAQEWRDALRGQGVLNSR
(MSE)ELGQSEVEGLHLNWLR
;
_entity_poly.pdbx_strand_id   A,B
#
# COMPACT_ATOMS: atom_id res chain seq x y z
N SER A 6 -39.46 -9.07 -2.33
CA SER A 6 -40.21 -8.84 -1.10
C SER A 6 -39.57 -7.75 -0.23
N HIS A 7 -38.54 -8.14 0.53
CA HIS A 7 -37.96 -7.31 1.58
C HIS A 7 -36.43 -7.35 1.50
N ASP A 8 -35.79 -6.29 2.02
CA ASP A 8 -34.33 -6.21 2.02
C ASP A 8 -33.74 -7.05 3.16
N LEU A 9 -32.42 -7.29 3.08
CA LEU A 9 -31.69 -7.93 4.18
C LEU A 9 -31.51 -6.93 5.33
N ASP A 10 -31.78 -7.39 6.55
CA ASP A 10 -31.83 -6.47 7.69
C ASP A 10 -30.55 -5.66 7.85
N ILE A 11 -29.45 -6.07 7.21
CA ILE A 11 -28.14 -5.51 7.51
C ILE A 11 -27.62 -4.54 6.45
N LEU A 12 -28.25 -4.49 5.28
CA LEU A 12 -27.75 -3.73 4.13
C LEU A 12 -28.25 -2.30 4.15
N PRO A 13 -27.71 -1.44 3.28
CA PRO A 13 -28.27 -0.09 3.14
C PRO A 13 -29.38 -0.03 2.10
N ARG A 14 -29.93 1.18 1.93
CA ARG A 14 -30.89 1.48 0.87
C ARG A 14 -30.13 2.07 -0.30
N PHE A 15 -30.23 1.45 -1.46
CA PHE A 15 -29.63 2.02 -2.65
C PHE A 15 -30.64 2.94 -3.28
N PRO A 16 -30.44 4.25 -3.23
CA PRO A 16 -31.47 5.20 -3.64
C PRO A 16 -32.17 4.86 -4.95
N ARG A 17 -33.47 4.63 -4.88
CA ARG A 17 -34.32 4.37 -6.04
C ARG A 17 -34.01 3.03 -6.72
N ALA A 18 -33.25 2.14 -6.05
CA ALA A 18 -32.98 0.84 -6.64
C ALA A 18 -34.24 -0.01 -6.61
N GLU A 19 -34.38 -0.86 -7.64
CA GLU A 19 -35.52 -1.75 -7.78
C GLU A 19 -35.04 -3.19 -7.60
N ILE A 20 -35.78 -3.95 -6.80
CA ILE A 20 -35.58 -5.39 -6.71
C ILE A 20 -36.12 -6.03 -7.99
N VAL A 21 -35.23 -6.67 -8.76
CA VAL A 21 -35.61 -7.29 -10.01
C VAL A 21 -35.61 -8.80 -9.91
N ASP A 22 -35.19 -9.35 -8.79
CA ASP A 22 -35.18 -10.78 -8.57
C ASP A 22 -35.15 -10.97 -7.07
N PHE A 23 -36.02 -11.83 -6.56
CA PHE A 23 -36.02 -12.15 -5.14
C PHE A 23 -36.17 -13.67 -5.02
N ARG A 24 -35.33 -14.29 -4.20
CA ARG A 24 -35.41 -15.74 -4.02
CA ARG A 24 -35.40 -15.74 -4.02
C ARG A 24 -35.22 -16.08 -2.55
N GLN A 25 -35.99 -17.06 -2.07
CA GLN A 25 -35.76 -17.64 -0.77
C GLN A 25 -35.89 -19.15 -0.86
N ALA A 26 -35.12 -19.84 -0.01
CA ALA A 26 -35.05 -21.28 0.06
C ALA A 26 -34.59 -21.73 1.44
N PRO A 27 -35.33 -22.63 2.10
CA PRO A 27 -34.98 -23.02 3.48
C PRO A 27 -33.69 -23.83 3.60
N SER A 28 -33.29 -24.59 2.56
CA SER A 28 -32.06 -25.38 2.68
C SER A 28 -31.42 -25.47 1.29
N GLU A 29 -30.68 -24.44 0.91
CA GLU A 29 -29.93 -24.44 -0.33
C GLU A 29 -28.43 -24.44 -0.04
N GLU A 30 -27.68 -25.03 -0.97
CA GLU A 30 -26.24 -25.13 -0.86
C GLU A 30 -25.62 -23.99 -1.63
N ARG A 31 -24.70 -23.29 -1.00
CA ARG A 31 -23.92 -22.27 -1.69
C ARG A 31 -22.46 -22.67 -1.60
N ILE A 32 -21.72 -22.44 -2.67
CA ILE A 32 -20.27 -22.59 -2.68
C ILE A 32 -19.72 -21.22 -3.08
N TYR A 33 -19.33 -20.46 -2.12
CA TYR A 33 -18.84 -19.12 -2.35
C TYR A 33 -17.32 -19.10 -2.51
N PRO A 34 -16.79 -18.53 -3.59
CA PRO A 34 -15.32 -18.53 -3.75
C PRO A 34 -14.63 -17.69 -2.69
N LEU A 35 -13.43 -18.11 -2.33
CA LEU A 35 -12.56 -17.30 -1.50
C LEU A 35 -11.34 -16.78 -2.26
N GLY A 36 -11.44 -16.76 -3.58
CA GLY A 36 -10.36 -16.44 -4.50
C GLY A 36 -10.95 -16.46 -5.88
N ALA A 37 -10.10 -16.21 -6.87
CA ALA A 37 -10.56 -16.07 -8.26
C ALA A 37 -11.20 -17.36 -8.76
N ILE A 38 -12.24 -17.20 -9.58
CA ILE A 38 -12.98 -18.34 -10.13
C ILE A 38 -12.68 -18.47 -11.62
N SER A 39 -12.47 -19.72 -12.05
CA SER A 39 -12.11 -20.03 -13.43
C SER A 39 -12.59 -21.43 -13.75
N ARG A 40 -12.49 -21.80 -15.03
CA ARG A 40 -12.68 -23.17 -15.50
C ARG A 40 -11.37 -23.68 -16.08
N ILE A 41 -10.96 -24.85 -15.63
CA ILE A 41 -9.77 -25.54 -16.11
C ILE A 41 -10.26 -26.84 -16.71
N SER A 42 -10.00 -27.05 -18.00
CA SER A 42 -10.42 -28.29 -18.65
C SER A 42 -11.94 -28.44 -18.57
N GLY A 43 -12.64 -27.32 -18.56
CA GLY A 43 -14.08 -27.34 -18.42
C GLY A 43 -14.58 -27.62 -17.02
N ARG A 44 -13.70 -27.88 -16.05
CA ARG A 44 -14.11 -28.12 -14.67
C ARG A 44 -13.90 -26.86 -13.82
N LEU A 45 -14.83 -26.63 -12.90
CA LEU A 45 -14.87 -25.41 -12.11
C LEU A 45 -13.72 -25.40 -11.10
N ARG A 46 -13.02 -24.26 -10.99
CA ARG A 46 -11.92 -24.09 -10.05
C ARG A 46 -12.08 -22.77 -9.31
N GLU A 48 -9.95 -20.57 -6.18
CA GLU A 48 -8.77 -20.47 -5.30
C GLU A 48 -9.26 -20.32 -3.86
N GLY A 49 -9.64 -21.44 -3.26
CA GLY A 49 -10.31 -21.44 -1.98
C GLY A 49 -11.81 -21.21 -2.09
N GLU A 50 -12.60 -21.84 -1.22
CA GLU A 50 -14.05 -21.66 -1.25
C GLU A 50 -14.64 -21.95 0.13
N VAL A 51 -15.88 -21.52 0.34
CA VAL A 51 -16.65 -21.92 1.52
C VAL A 51 -17.94 -22.57 1.04
N ARG A 52 -18.20 -23.79 1.52
CA ARG A 52 -19.45 -24.47 1.23
C ARG A 52 -20.29 -24.45 2.48
N ALA A 53 -21.54 -24.06 2.34
CA ALA A 53 -22.47 -24.06 3.46
C ALA A 53 -23.86 -24.29 2.89
N GLU A 54 -24.72 -24.87 3.71
CA GLU A 54 -26.09 -25.13 3.31
C GLU A 54 -27.01 -24.56 4.38
N GLY A 55 -28.09 -23.91 3.96
CA GLY A 55 -28.97 -23.28 4.94
C GLY A 55 -30.03 -22.45 4.27
N GLU A 56 -30.58 -21.51 5.05
CA GLU A 56 -31.63 -20.63 4.58
C GLU A 56 -31.03 -19.52 3.73
N LEU A 57 -31.44 -19.45 2.48
CA LEU A 57 -30.91 -18.51 1.52
C LEU A 57 -31.96 -17.45 1.25
N THR A 58 -31.56 -16.20 1.37
CA THR A 58 -32.32 -15.06 0.85
C THR A 58 -31.42 -14.32 -0.13
N ALA A 59 -31.83 -14.25 -1.40
CA ALA A 59 -31.06 -13.57 -2.45
C ALA A 59 -31.84 -12.43 -3.10
N LEU A 60 -31.24 -11.25 -3.10
CA LEU A 60 -31.86 -10.07 -3.64
C LEU A 60 -31.05 -9.55 -4.81
N THR A 61 -31.72 -9.23 -5.91
CA THR A 61 -31.05 -8.71 -7.09
C THR A 61 -31.61 -7.32 -7.35
N TYR A 62 -30.76 -6.30 -7.24
CA TYR A 62 -31.19 -4.93 -7.49
C TYR A 62 -30.73 -4.43 -8.85
N ARG A 63 -31.58 -3.65 -9.50
CA ARG A 63 -31.17 -2.86 -10.66
C ARG A 63 -31.08 -1.43 -10.17
N LEU A 64 -29.91 -0.79 -10.33
CA LEU A 64 -29.71 0.56 -9.82
C LEU A 64 -30.31 1.57 -10.81
N PRO A 65 -30.63 2.79 -10.37
CA PRO A 65 -31.07 3.84 -11.32
C PRO A 65 -29.93 4.26 -12.22
N PRO A 66 -30.23 4.83 -13.40
CA PRO A 66 -29.16 5.20 -14.35
C PRO A 66 -28.15 6.18 -13.77
N GLU A 67 -28.52 6.90 -12.70
CA GLU A 67 -27.71 7.96 -12.14
C GLU A 67 -26.56 7.43 -11.28
N HIS A 68 -26.52 6.13 -11.01
CA HIS A 68 -25.64 5.62 -9.97
C HIS A 68 -24.96 4.37 -10.44
N SER A 69 -23.65 4.32 -10.21
CA SER A 69 -22.82 3.27 -10.74
C SER A 69 -22.88 2.04 -9.87
N SER A 70 -22.61 0.89 -10.49
CA SER A 70 -22.51 -0.34 -9.73
C SER A 70 -21.41 -0.24 -8.67
N GLN A 71 -20.29 0.38 -9.01
CA GLN A 71 -19.18 0.54 -8.08
C GLN A 71 -19.55 1.40 -6.88
N GLU A 72 -20.40 2.41 -7.08
CA GLU A 72 -20.86 3.20 -5.95
C GLU A 72 -21.74 2.39 -5.01
N ALA A 73 -22.69 1.63 -5.56
CA ALA A 73 -23.55 0.82 -4.69
C ALA A 73 -22.74 -0.25 -3.98
N PHE A 74 -21.77 -0.84 -4.69
CA PHE A 74 -20.93 -1.87 -4.06
C PHE A 74 -20.14 -1.28 -2.90
N ALA A 75 -19.56 -0.10 -3.07
CA ALA A 75 -18.83 0.52 -1.97
C ALA A 75 -19.76 0.80 -0.79
N ALA A 76 -20.97 1.28 -1.08
CA ALA A 76 -21.92 1.51 0.02
C ALA A 76 -22.26 0.19 0.70
N ALA A 77 -22.51 -0.88 -0.06
CA ALA A 77 -22.79 -2.15 0.59
C ALA A 77 -21.58 -2.60 1.42
N ARG A 78 -20.38 -2.54 0.83
CA ARG A 78 -19.17 -2.93 1.55
C ARG A 78 -19.01 -2.13 2.85
N THR A 79 -19.12 -0.81 2.76
CA THR A 79 -19.00 0.03 3.96
C THR A 79 -20.00 -0.41 5.02
N ALA A 80 -21.24 -0.67 4.62
CA ALA A 80 -22.28 -1.00 5.60
C ALA A 80 -22.05 -2.37 6.24
N LEU A 81 -21.64 -3.35 5.47
CA LEU A 81 -21.41 -4.65 6.08
C LEU A 81 -20.25 -4.61 7.06
N LEU A 82 -19.20 -3.87 6.72
CA LEU A 82 -18.03 -3.83 7.62
C LEU A 82 -18.35 -3.04 8.87
N LYS A 83 -19.11 -1.95 8.71
CA LYS A 83 -19.59 -1.18 9.86
C LYS A 83 -20.54 -1.99 10.73
N ALA A 84 -21.19 -3.01 10.17
CA ALA A 84 -21.94 -3.95 11.01
C ALA A 84 -21.01 -4.94 11.69
N ASP A 85 -19.70 -4.75 11.54
CA ASP A 85 -18.71 -5.59 12.19
C ASP A 85 -18.70 -7.01 11.66
N ALA A 86 -19.14 -7.22 10.41
CA ALA A 86 -18.95 -8.51 9.77
C ALA A 86 -17.47 -8.72 9.45
N THR A 87 -16.97 -9.90 9.71
CA THR A 87 -15.60 -10.25 9.35
C THR A 87 -15.49 -10.41 7.84
N PRO A 88 -14.60 -9.68 7.17
CA PRO A 88 -14.44 -9.91 5.73
C PRO A 88 -13.70 -11.20 5.45
N LEU A 89 -14.16 -11.91 4.43
CA LEU A 89 -13.56 -13.19 4.08
C LEU A 89 -12.87 -13.16 2.73
N PHE A 90 -13.38 -12.36 1.80
CA PHE A 90 -12.79 -12.19 0.49
C PHE A 90 -13.41 -10.96 -0.15
N TRP A 91 -12.57 -10.21 -0.88
CA TRP A 91 -12.94 -9.00 -1.58
C TRP A 91 -12.07 -8.90 -2.82
N CYS A 92 -12.68 -8.50 -3.93
CA CYS A 92 -12.02 -8.51 -5.22
C CYS A 92 -12.83 -7.61 -6.16
N GLU A 93 -12.10 -7.03 -7.09
CA GLU A 93 -12.60 -6.17 -8.15
C GLU A 93 -12.06 -6.59 -9.50
N ARG A 94 -12.87 -6.39 -10.54
CA ARG A 94 -12.45 -6.53 -11.94
C ARG A 94 -11.94 -7.96 -12.17
N ARG A 95 -10.88 -8.12 -12.97
CA ARG A 95 -10.37 -9.43 -13.33
C ARG A 95 -9.83 -10.19 -12.14
N ASP A 96 -9.52 -9.51 -11.03
CA ASP A 96 -9.07 -10.24 -9.86
C ASP A 96 -10.12 -11.25 -9.38
N CYS A 97 -11.39 -11.03 -9.70
CA CYS A 97 -12.42 -12.00 -9.29
C CYS A 97 -12.41 -13.25 -10.15
N GLY A 98 -11.74 -13.22 -11.28
CA GLY A 98 -11.90 -14.28 -12.26
C GLY A 98 -13.08 -13.98 -13.18
N SER A 99 -13.89 -14.99 -13.49
CA SER A 99 -14.88 -14.87 -14.55
C SER A 99 -16.28 -14.48 -14.04
N SER A 100 -16.78 -13.35 -14.55
CA SER A 100 -18.15 -12.94 -14.27
C SER A 100 -19.15 -14.02 -14.66
N SER A 101 -18.88 -14.74 -15.75
CA SER A 101 -19.82 -15.75 -16.20
C SER A 101 -19.96 -16.84 -15.15
N LEU A 102 -18.85 -17.22 -14.53
CA LEU A 102 -18.86 -18.22 -13.48
C LEU A 102 -19.53 -17.71 -12.22
N LEU A 103 -19.18 -16.50 -11.79
CA LEU A 103 -19.83 -15.92 -10.62
C LEU A 103 -21.34 -15.79 -10.87
N ALA A 104 -21.74 -15.25 -12.02
CA ALA A 104 -23.16 -15.05 -12.29
C ALA A 104 -23.90 -16.40 -12.29
N ASN A 105 -23.33 -17.38 -12.99
CA ASN A 105 -24.07 -18.60 -13.27
C ASN A 105 -23.80 -19.70 -12.25
N ALA A 106 -22.53 -20.06 -12.04
CA ALA A 106 -22.15 -21.17 -11.17
C ALA A 106 -22.26 -20.83 -9.69
N VAL A 107 -22.09 -19.56 -9.32
CA VAL A 107 -22.17 -19.22 -7.91
C VAL A 107 -23.54 -18.69 -7.53
N PHE A 108 -24.02 -17.66 -8.23
CA PHE A 108 -25.30 -17.03 -7.90
C PHE A 108 -26.46 -17.57 -8.73
N GLY A 109 -26.20 -18.32 -9.80
CA GLY A 109 -27.31 -18.85 -10.58
C GLY A 109 -28.27 -17.78 -11.07
N ASN A 110 -27.72 -16.66 -11.54
CA ASN A 110 -28.54 -15.58 -12.08
C ASN A 110 -27.83 -14.96 -13.28
N ALA A 111 -28.24 -15.36 -14.47
CA ALA A 111 -27.57 -14.94 -15.69
C ALA A 111 -27.65 -13.44 -15.95
N LYS A 112 -28.54 -12.74 -15.25
CA LYS A 112 -28.63 -11.29 -15.38
C LYS A 112 -27.37 -10.59 -14.86
N LEU A 113 -26.61 -11.24 -13.99
CA LEU A 113 -25.41 -10.66 -13.41
C LEU A 113 -24.19 -10.79 -14.29
N TYR A 114 -24.29 -11.45 -15.45
CA TYR A 114 -23.12 -11.65 -16.29
C TYR A 114 -22.84 -10.39 -17.08
N GLY A 115 -21.62 -9.90 -16.94
CA GLY A 115 -21.17 -8.77 -17.70
C GLY A 115 -19.67 -8.82 -17.88
N PRO A 116 -19.09 -7.69 -18.30
CA PRO A 116 -17.64 -7.64 -18.52
C PRO A 116 -16.88 -7.84 -17.22
N ASP A 117 -15.91 -8.75 -17.24
CA ASP A 117 -15.13 -9.06 -16.06
C ASP A 117 -14.59 -7.79 -15.42
N GLU A 118 -14.11 -6.87 -16.24
CA GLU A 118 -13.52 -5.63 -15.75
C GLU A 118 -14.54 -4.72 -15.06
N GLN A 119 -15.83 -5.06 -15.03
CA GLN A 119 -16.82 -4.19 -14.43
C GLN A 119 -17.40 -4.78 -13.15
N GLN A 120 -16.85 -5.88 -12.66
CA GLN A 120 -17.44 -6.57 -11.54
C GLN A 120 -16.70 -6.28 -10.24
N ALA A 121 -17.32 -6.67 -9.13
CA ALA A 121 -16.79 -6.59 -7.79
C ALA A 121 -17.54 -7.62 -6.94
N TYR A 122 -16.83 -8.21 -5.98
CA TYR A 122 -17.36 -9.29 -5.16
C TYR A 122 -16.81 -9.17 -3.75
N LEU A 123 -17.68 -9.41 -2.76
CA LEU A 123 -17.36 -9.38 -1.35
C LEU A 123 -18.09 -10.50 -0.63
N LEU A 124 -17.39 -11.20 0.25
CA LEU A 124 -17.98 -12.21 1.10
C LEU A 124 -17.61 -11.92 2.55
N VAL A 125 -18.62 -11.92 3.44
CA VAL A 125 -18.42 -11.66 4.85
C VAL A 125 -19.17 -12.69 5.69
N ARG A 126 -18.69 -12.82 6.93
CA ARG A 126 -19.28 -13.65 7.97
C ARG A 126 -19.81 -12.71 9.05
N LEU A 127 -21.10 -12.82 9.35
CA LEU A 127 -21.73 -11.91 10.29
C LEU A 127 -21.27 -12.19 11.71
N ALA A 128 -21.26 -11.13 12.52
CA ALA A 128 -20.87 -11.25 13.92
C ALA A 128 -21.93 -11.99 14.76
N ALA A 129 -21.48 -12.68 15.80
CA ALA A 129 -22.42 -13.22 16.77
C ALA A 129 -23.38 -12.10 17.19
N PRO A 130 -24.68 -12.37 17.34
CA PRO A 130 -25.35 -13.67 17.41
C PRO A 130 -25.62 -14.39 16.07
N GLN A 131 -25.23 -13.80 14.94
CA GLN A 131 -25.49 -14.38 13.63
C GLN A 131 -24.25 -15.03 13.03
N GLU A 132 -23.39 -15.59 13.87
CA GLU A 132 -22.06 -15.99 13.44
C GLU A 132 -22.04 -17.14 12.45
N ASN A 133 -23.16 -17.81 12.19
CA ASN A 133 -23.19 -18.84 11.17
C ASN A 133 -23.90 -18.35 9.93
N SER A 134 -24.06 -17.04 9.79
CA SER A 134 -24.54 -16.42 8.57
C SER A 134 -23.39 -15.88 7.74
N LEU A 135 -23.48 -16.12 6.43
CA LEU A 135 -22.63 -15.54 5.41
C LEU A 135 -23.45 -14.56 4.58
N VAL A 136 -22.85 -13.43 4.22
CA VAL A 136 -23.44 -12.47 3.29
C VAL A 136 -22.49 -12.24 2.14
N ALA A 137 -23.01 -12.38 0.92
CA ALA A 137 -22.26 -12.21 -0.31
C ALA A 137 -22.86 -11.06 -1.11
N VAL A 138 -21.99 -10.22 -1.65
CA VAL A 138 -22.40 -9.11 -2.50
C VAL A 138 -21.61 -9.18 -3.82
N TYR A 139 -22.32 -8.96 -4.92
CA TYR A 139 -21.72 -8.96 -6.25
C TYR A 139 -22.32 -7.80 -7.02
N SER A 140 -21.47 -7.03 -7.68
CA SER A 140 -21.94 -5.89 -8.46
C SER A 140 -21.39 -6.00 -9.87
N ILE A 141 -22.17 -5.51 -10.84
CA ILE A 141 -21.75 -5.52 -12.24
C ILE A 141 -22.40 -4.33 -12.96
N THR A 142 -21.65 -3.73 -13.89
CA THR A 142 -22.21 -2.87 -14.93
C THR A 142 -22.10 -3.55 -16.29
N ARG A 143 -23.24 -3.66 -16.97
CA ARG A 143 -23.34 -4.47 -18.18
C ARG A 143 -23.24 -3.60 -19.41
N GLY A 144 -23.10 -4.26 -20.56
CA GLY A 144 -23.03 -3.54 -21.83
C GLY A 144 -24.31 -2.78 -22.17
N ASN A 145 -25.46 -3.29 -21.76
CA ASN A 145 -26.67 -2.50 -21.89
C ASN A 145 -26.66 -1.18 -20.98
N ARG A 146 -25.51 -0.88 -20.39
CA ARG A 146 -25.20 0.24 -19.50
C ARG A 146 -26.03 0.28 -18.21
N ARG A 147 -26.77 -0.79 -17.90
CA ARG A 147 -27.46 -0.94 -16.63
C ARG A 147 -26.54 -1.57 -15.57
N ALA A 148 -26.87 -1.28 -14.32
CA ALA A 148 -26.05 -1.58 -13.16
C ALA A 148 -26.86 -2.47 -12.22
N TYR A 149 -26.26 -3.57 -11.75
CA TYR A 149 -26.96 -4.46 -10.85
C TYR A 149 -26.13 -4.80 -9.63
N LEU A 150 -26.81 -5.09 -8.53
CA LEU A 150 -26.14 -5.53 -7.31
C LEU A 150 -26.89 -6.72 -6.74
N GLN A 151 -26.16 -7.80 -6.51
CA GLN A 151 -26.67 -8.99 -5.84
C GLN A 151 -26.26 -8.97 -4.39
N ALA A 152 -27.21 -9.24 -3.50
CA ALA A 152 -26.95 -9.41 -2.07
C ALA A 152 -27.65 -10.67 -1.59
N GLU A 153 -26.90 -11.54 -0.93
CA GLU A 153 -27.39 -12.84 -0.49
C GLU A 153 -27.00 -13.06 0.96
N GLU A 154 -27.89 -13.65 1.73
CA GLU A 154 -27.55 -14.15 3.05
C GLU A 154 -27.80 -15.64 3.09
N LEU A 155 -26.80 -16.38 3.53
CA LEU A 155 -26.91 -17.81 3.80
C LEU A 155 -26.77 -18.02 5.31
N LYS A 156 -27.85 -18.48 5.94
CA LYS A 156 -27.79 -18.86 7.35
C LYS A 156 -27.48 -20.35 7.41
N ALA A 157 -26.23 -20.69 7.73
CA ALA A 157 -25.82 -22.07 7.62
C ALA A 157 -26.62 -22.93 8.60
N ASP A 158 -26.92 -24.17 8.19
CA ASP A 158 -27.66 -25.08 9.06
C ASP A 158 -26.77 -25.75 10.09
N ALA A 159 -25.46 -25.81 9.84
CA ALA A 159 -24.45 -26.28 10.77
C ALA A 159 -23.44 -25.16 11.03
N PRO A 160 -22.78 -25.17 12.18
CA PRO A 160 -21.82 -24.10 12.47
C PRO A 160 -20.71 -24.07 11.44
N LEU A 161 -20.31 -22.86 11.05
CA LEU A 161 -19.26 -22.70 10.07
C LEU A 161 -17.91 -23.00 10.72
N ALA A 162 -16.99 -23.48 9.91
CA ALA A 162 -15.62 -23.62 10.37
C ALA A 162 -15.02 -22.26 10.69
N GLU A 163 -13.78 -22.30 11.18
CA GLU A 163 -12.95 -21.12 11.33
C GLU A 163 -12.60 -20.60 9.94
N LEU A 164 -13.19 -19.50 9.55
CA LEU A 164 -12.98 -18.96 8.22
C LEU A 164 -12.17 -17.67 8.33
N LEU A 165 -11.07 -17.61 7.61
CA LEU A 165 -10.17 -16.45 7.67
C LEU A 165 -9.94 -15.85 6.29
N PRO A 166 -9.75 -14.54 6.16
CA PRO A 166 -9.35 -13.99 4.87
C PRO A 166 -7.85 -14.18 4.68
N SER A 167 -7.41 -13.96 3.45
CA SER A 167 -5.98 -13.89 3.22
C SER A 167 -5.39 -12.59 3.76
N PRO A 168 -4.08 -12.55 3.93
CA PRO A 168 -3.44 -11.25 4.24
C PRO A 168 -3.64 -10.21 3.17
N ALA A 169 -3.62 -10.63 1.90
CA ALA A 169 -3.88 -9.70 0.81
C ALA A 169 -5.29 -9.11 0.91
N THR A 170 -6.29 -9.93 1.25
CA THR A 170 -7.62 -9.38 1.37
C THR A 170 -7.69 -8.35 2.49
N LEU A 171 -7.03 -8.65 3.61
CA LEU A 171 -7.09 -7.74 4.75
C LEU A 171 -6.47 -6.40 4.41
N LEU A 172 -5.29 -6.46 3.80
CA LEU A 172 -4.60 -5.23 3.46
C LEU A 172 -5.38 -4.42 2.45
N ARG A 173 -5.83 -5.08 1.38
CA ARG A 173 -6.58 -4.37 0.35
C ARG A 173 -7.81 -3.70 0.91
N LEU A 174 -8.55 -4.41 1.77
CA LEU A 174 -9.80 -3.85 2.28
C LEU A 174 -9.53 -2.76 3.29
N LEU A 175 -8.45 -2.91 4.06
CA LEU A 175 -8.11 -1.85 4.98
C LEU A 175 -7.89 -0.52 4.25
N LYS A 176 -7.24 -0.57 3.07
CA LYS A 176 -7.06 0.62 2.23
C LYS A 176 -8.32 0.99 1.43
N ALA A 177 -9.07 0.04 0.87
CA ALA A 177 -10.27 0.43 0.11
C ALA A 177 -11.35 0.98 1.01
N ASN A 178 -11.52 0.40 2.20
CA ASN A 178 -12.59 0.80 3.09
C ASN A 178 -12.13 1.66 4.26
N GLY A 179 -10.83 1.68 4.54
CA GLY A 179 -10.28 2.47 5.62
C GLY A 179 -10.30 1.80 6.98
N GLU A 180 -11.05 0.73 7.13
CA GLU A 180 -11.23 0.10 8.43
C GLU A 180 -12.02 -1.18 8.22
N LEU A 181 -12.01 -2.03 9.25
CA LEU A 181 -12.74 -3.30 9.25
C LEU A 181 -12.63 -3.91 10.65
N THR A 182 -13.50 -4.87 10.92
CA THR A 182 -13.52 -5.55 12.21
C THR A 182 -13.43 -7.05 12.00
N LEU A 183 -12.67 -7.70 12.87
CA LEU A 183 -12.48 -9.13 12.89
C LEU A 183 -13.24 -9.62 14.12
N SER A 184 -14.48 -10.06 13.92
CA SER A 184 -15.40 -10.33 15.02
C SER A 184 -15.47 -11.80 15.40
N HIS A 185 -14.54 -12.62 14.90
CA HIS A 185 -14.51 -14.04 15.19
C HIS A 185 -13.13 -14.45 15.68
N VAL A 186 -12.40 -13.52 16.28
CA VAL A 186 -11.07 -13.80 16.82
C VAL A 186 -11.22 -14.31 18.25
N PRO A 187 -10.28 -15.10 18.76
CA PRO A 187 -10.36 -15.50 20.17
C PRO A 187 -10.11 -14.31 21.07
N ALA A 188 -10.60 -14.41 22.31
CA ALA A 188 -10.38 -13.34 23.28
C ALA A 188 -8.92 -13.24 23.70
N GLU A 189 -8.22 -14.37 23.75
CA GLU A 189 -6.79 -14.40 24.03
C GLU A 189 -6.04 -14.49 22.71
N PRO A 190 -5.23 -13.48 22.36
CA PRO A 190 -4.58 -13.51 21.03
C PRO A 190 -3.67 -14.71 20.85
N ALA A 191 -3.98 -15.51 19.85
CA ALA A 191 -3.20 -16.70 19.54
C ALA A 191 -3.80 -17.37 18.33
N GLY A 192 -3.11 -18.40 17.86
CA GLY A 192 -3.63 -19.24 16.82
C GLY A 192 -3.63 -18.58 15.44
N SER A 193 -4.53 -19.10 14.62
CA SER A 193 -4.60 -18.74 13.22
C SER A 193 -4.77 -17.23 13.03
N TRP A 194 -5.61 -16.60 13.84
CA TRP A 194 -5.89 -15.18 13.66
C TRP A 194 -4.69 -14.31 14.00
N LEU A 195 -3.96 -14.64 15.08
CA LEU A 195 -2.72 -13.91 15.36
C LEU A 195 -1.75 -14.09 14.20
N GLU A 196 -1.62 -15.33 13.71
CA GLU A 196 -0.73 -15.60 12.59
C GLU A 196 -1.12 -14.76 11.38
N LEU A 197 -2.42 -14.72 11.07
CA LEU A 197 -2.87 -13.94 9.93
C LEU A 197 -2.47 -12.47 10.06
N LEU A 198 -2.74 -11.87 11.22
CA LEU A 198 -2.43 -10.45 11.39
C LEU A 198 -0.93 -10.19 11.32
N VAL A 199 -0.13 -11.11 11.87
CA VAL A 199 1.33 -10.98 11.79
C VAL A 199 1.77 -11.04 10.34
N ARG A 200 1.27 -12.01 9.59
CA ARG A 200 1.67 -12.11 8.19
C ARG A 200 1.13 -10.93 7.37
N THR A 201 -0.02 -10.38 7.74
CA THR A 201 -0.54 -9.22 7.05
C THR A 201 0.35 -8.00 7.29
N LEU A 202 0.88 -7.84 8.50
CA LEU A 202 1.72 -6.68 8.81
C LEU A 202 3.15 -6.84 8.31
N ARG A 203 3.59 -8.05 8.00
CA ARG A 203 4.87 -8.23 7.32
C ARG A 203 4.75 -8.10 5.81
N LEU A 204 3.54 -8.21 5.24
CA LEU A 204 3.45 -8.09 3.80
C LEU A 204 3.56 -6.64 3.38
N ASP A 205 3.04 -5.74 4.18
CA ASP A 205 3.28 -4.30 4.01
C ASP A 205 3.78 -3.81 5.35
N THR A 206 5.08 -3.45 5.41
CA THR A 206 5.70 -3.04 6.66
C THR A 206 5.54 -1.56 6.97
N GLY A 207 5.10 -0.77 5.99
CA GLY A 207 4.88 0.63 6.23
C GLY A 207 3.49 0.97 6.76
N VAL A 208 2.52 0.10 6.55
CA VAL A 208 1.16 0.47 6.90
C VAL A 208 1.03 0.55 8.42
N ARG A 209 0.30 1.55 8.90
CA ARG A 209 0.08 1.77 10.32
C ARG A 209 -1.42 1.66 10.60
N VAL A 210 -1.76 1.14 11.79
CA VAL A 210 -3.16 0.89 12.14
C VAL A 210 -3.43 1.28 13.57
N GLU A 211 -4.68 1.63 13.83
CA GLU A 211 -5.23 1.78 15.17
C GLU A 211 -6.11 0.58 15.50
N LEU A 212 -5.87 0.00 16.67
CA LEU A 212 -6.58 -1.16 17.15
C LEU A 212 -7.59 -0.73 18.21
N SER A 213 -8.80 -1.25 18.11
CA SER A 213 -9.80 -0.94 19.12
C SER A 213 -10.68 -2.16 19.30
N GLY A 214 -11.44 -2.16 20.40
CA GLY A 214 -12.20 -3.31 20.78
C GLY A 214 -11.86 -3.78 22.20
N LYS A 215 -12.68 -4.72 22.65
CA LYS A 215 -12.63 -5.11 24.06
C LYS A 215 -11.24 -5.58 24.47
N HIS A 216 -10.51 -6.23 23.57
CA HIS A 216 -9.20 -6.80 23.90
C HIS A 216 -8.11 -6.26 23.00
N ALA A 217 -8.27 -5.02 22.55
CA ALA A 217 -7.33 -4.46 21.59
C ALA A 217 -5.94 -4.30 22.20
N GLN A 218 -5.86 -3.94 23.48
CA GLN A 218 -4.55 -3.86 24.14
C GLN A 218 -3.82 -5.19 24.11
N GLU A 219 -4.55 -6.28 24.40
CA GLU A 219 -3.92 -7.59 24.37
C GLU A 219 -3.42 -7.91 22.97
N TRP A 220 -4.22 -7.62 21.94
CA TRP A 220 -3.79 -7.89 20.57
C TRP A 220 -2.52 -7.13 20.21
N ARG A 221 -2.48 -5.82 20.49
CA ARG A 221 -1.31 -5.03 20.12
C ARG A 221 -0.06 -5.65 20.72
N ASP A 222 -0.18 -6.13 21.90
CA ASP A 222 1.07 -6.63 22.48
C ASP A 222 1.43 -8.03 22.03
N ALA A 223 0.46 -8.84 21.79
CA ALA A 223 0.78 -10.09 21.14
C ALA A 223 1.49 -9.85 19.81
N LEU A 224 1.04 -8.83 19.10
CA LEU A 224 1.64 -8.49 17.81
C LEU A 224 3.02 -7.90 18.00
N ARG A 225 3.20 -7.04 19.00
CA ARG A 225 4.56 -6.55 19.24
C ARG A 225 5.50 -7.71 19.49
N GLY A 226 5.06 -8.71 20.25
CA GLY A 226 5.91 -9.83 20.60
C GLY A 226 6.19 -10.78 19.46
N GLN A 227 5.38 -10.74 18.40
CA GLN A 227 5.62 -11.43 17.14
C GLN A 227 6.42 -10.56 16.17
N GLY A 228 6.87 -9.40 16.60
CA GLY A 228 7.82 -8.63 15.82
C GLY A 228 7.29 -7.37 15.20
N VAL A 229 6.00 -7.07 15.35
CA VAL A 229 5.49 -5.83 14.77
C VAL A 229 6.02 -4.65 15.57
N LEU A 230 6.50 -3.63 14.89
CA LEU A 230 6.94 -2.42 15.59
C LEU A 230 5.77 -1.74 16.29
N ASN A 231 5.97 -1.36 17.56
CA ASN A 231 4.93 -0.72 18.34
C ASN A 231 4.57 0.67 17.82
N SER A 232 5.49 1.34 17.11
CA SER A 232 5.15 2.64 16.52
C SER A 232 4.04 2.52 15.49
N ARG A 233 3.84 1.33 14.93
CA ARG A 233 2.87 1.11 13.86
C ARG A 233 1.46 0.96 14.35
N GLU A 235 -1.43 2.19 17.09
CA GLU A 235 -2.04 2.99 18.15
C GLU A 235 -3.25 2.25 18.69
N LEU A 236 -3.80 2.77 19.77
CA LEU A 236 -4.95 2.17 20.41
C LEU A 236 -6.10 3.16 20.40
N GLY A 237 -7.28 2.66 20.06
CA GLY A 237 -8.50 3.42 20.14
C GLY A 237 -9.40 2.92 21.26
N GLN A 238 -10.62 3.46 21.27
CA GLN A 238 -11.62 3.14 22.29
C GLN A 238 -12.85 2.58 21.58
N SER A 239 -13.12 1.30 21.81
CA SER A 239 -14.39 0.72 21.42
C SER A 239 -14.69 -0.45 22.34
N GLU A 240 -15.98 -0.70 22.57
CA GLU A 240 -16.44 -1.88 23.32
C GLU A 240 -16.84 -3.03 22.40
N VAL A 241 -16.60 -2.91 21.10
CA VAL A 241 -16.99 -3.98 20.21
C VAL A 241 -16.21 -5.22 20.58
N GLU A 242 -16.88 -6.37 20.46
CA GLU A 242 -16.30 -7.62 20.94
C GLU A 242 -15.08 -8.04 20.12
N GLY A 243 -14.98 -7.60 18.88
CA GLY A 243 -13.95 -8.05 18.00
C GLY A 243 -12.73 -7.15 18.07
N LEU A 244 -11.83 -7.39 17.14
CA LEU A 244 -10.69 -6.51 16.95
C LEU A 244 -10.96 -5.60 15.78
N HIS A 245 -11.08 -4.32 16.07
CA HIS A 245 -11.29 -3.33 15.04
C HIS A 245 -9.98 -2.66 14.62
N LEU A 246 -9.79 -2.55 13.32
CA LEU A 246 -8.58 -2.02 12.71
C LEU A 246 -8.95 -0.81 11.88
N ASN A 247 -8.18 0.25 12.04
CA ASN A 247 -8.41 1.51 11.34
C ASN A 247 -7.12 1.96 10.68
N TRP A 248 -7.16 2.19 9.38
CA TRP A 248 -5.95 2.53 8.64
C TRP A 248 -5.51 3.93 9.01
N LEU A 249 -4.27 4.05 9.52
CA LEU A 249 -3.71 5.37 9.81
C LEU A 249 -2.90 5.80 8.60
N ARG A 250 -3.48 6.67 7.77
CA ARG A 250 -2.81 7.12 6.56
C ARG A 250 -1.63 8.01 6.95
N PRO B 4 29.46 18.36 20.13
CA PRO B 4 29.46 19.79 20.51
C PRO B 4 28.82 20.70 19.45
N GLY B 5 29.47 20.91 18.31
CA GLY B 5 28.83 21.47 17.13
C GLY B 5 28.06 20.47 16.29
N SER B 6 28.09 19.19 16.68
CA SER B 6 27.46 18.10 15.92
C SER B 6 25.97 17.97 16.24
N HIS B 7 25.17 17.73 15.21
CA HIS B 7 23.71 17.64 15.39
C HIS B 7 23.09 16.92 14.20
N ASP B 8 22.02 16.19 14.48
CA ASP B 8 21.33 15.45 13.43
C ASP B 8 20.73 16.42 12.41
N LEU B 9 20.51 15.91 11.19
CA LEU B 9 19.71 16.64 10.23
C LEU B 9 18.28 16.77 10.73
N ASP B 10 17.73 17.99 10.60
CA ASP B 10 16.33 18.21 10.99
C ASP B 10 15.40 17.23 10.28
N ILE B 11 15.59 17.03 8.98
CA ILE B 11 14.64 16.19 8.25
C ILE B 11 14.81 14.70 8.52
N LEU B 12 15.95 14.26 9.03
CA LEU B 12 16.22 12.83 9.16
C LEU B 12 16.49 12.45 10.61
N PRO B 13 15.58 11.77 11.29
CA PRO B 13 15.89 11.25 12.62
C PRO B 13 17.06 10.27 12.60
N ARG B 14 17.92 10.40 13.60
CA ARG B 14 18.98 9.42 13.82
C ARG B 14 18.39 8.04 14.09
N PHE B 15 19.04 7.01 13.55
CA PHE B 15 18.68 5.66 13.93
C PHE B 15 18.97 5.47 15.43
N PRO B 16 18.07 4.84 16.18
CA PRO B 16 18.19 4.89 17.66
C PRO B 16 19.47 4.23 18.16
N ARG B 17 20.14 4.92 19.08
CA ARG B 17 21.40 4.50 19.71
C ARG B 17 22.58 4.58 18.73
N ALA B 18 22.37 5.05 17.51
CA ALA B 18 23.49 5.34 16.63
C ALA B 18 24.34 6.46 17.22
N GLU B 19 25.63 6.44 16.91
CA GLU B 19 26.58 7.44 17.41
CA GLU B 19 26.60 7.42 17.42
C GLU B 19 27.20 8.18 16.25
N ILE B 20 27.29 9.50 16.38
CA ILE B 20 27.96 10.32 15.39
C ILE B 20 29.45 10.09 15.53
N VAL B 21 30.10 9.63 14.48
CA VAL B 21 31.55 9.43 14.47
C VAL B 21 32.28 10.41 13.54
N ASP B 22 31.54 11.16 12.71
CA ASP B 22 32.11 12.18 11.83
C ASP B 22 30.98 13.16 11.57
N PHE B 23 31.27 14.45 11.74
CA PHE B 23 30.35 15.54 11.47
C PHE B 23 31.14 16.57 10.70
N ARG B 24 30.53 17.10 9.63
CA ARG B 24 31.12 18.14 8.81
C ARG B 24 30.06 19.12 8.31
N GLN B 25 30.44 20.37 8.26
CA GLN B 25 29.60 21.44 7.76
CA GLN B 25 29.60 21.44 7.76
C GLN B 25 30.47 22.41 6.99
N ALA B 26 29.96 22.85 5.84
CA ALA B 26 30.68 23.76 4.97
C ALA B 26 29.65 24.61 4.24
N PRO B 27 29.84 25.93 4.19
CA PRO B 27 28.82 26.80 3.54
C PRO B 27 28.79 26.72 2.04
N SER B 28 29.86 26.32 1.35
CA SER B 28 29.79 26.29 -0.11
C SER B 28 30.74 25.22 -0.65
N GLU B 29 30.24 23.99 -0.64
CA GLU B 29 30.94 22.82 -1.14
C GLU B 29 30.16 22.33 -2.37
N GLU B 30 30.87 21.91 -3.40
CA GLU B 30 30.20 21.31 -4.55
C GLU B 30 30.21 19.80 -4.39
N ARG B 31 29.03 19.22 -4.54
CA ARG B 31 28.84 17.78 -4.46
C ARG B 31 28.42 17.29 -5.84
N ILE B 32 28.83 16.08 -6.17
CA ILE B 32 28.34 15.38 -7.35
C ILE B 32 27.81 14.04 -6.90
N TYR B 33 26.49 13.90 -6.93
CA TYR B 33 25.83 12.68 -6.51
C TYR B 33 25.41 11.84 -7.72
N PRO B 34 25.68 10.55 -7.70
CA PRO B 34 25.33 9.71 -8.85
C PRO B 34 23.83 9.51 -8.96
N LEU B 35 23.37 9.40 -10.19
CA LEU B 35 22.00 9.02 -10.53
C LEU B 35 21.99 7.66 -11.23
N GLY B 36 23.00 6.85 -10.95
CA GLY B 36 23.22 5.59 -11.60
C GLY B 36 24.53 5.02 -11.12
N ALA B 37 24.88 3.85 -11.65
CA ALA B 37 26.06 3.15 -11.18
C ALA B 37 27.33 3.97 -11.40
N ILE B 38 28.32 3.75 -10.53
CA ILE B 38 29.56 4.50 -10.56
C ILE B 38 30.72 3.56 -10.89
N SER B 39 31.61 4.02 -11.78
CA SER B 39 32.64 3.20 -12.41
C SER B 39 33.94 3.99 -12.44
N ARG B 40 35.06 3.27 -12.54
CA ARG B 40 36.33 3.88 -12.92
C ARG B 40 37.10 2.91 -13.81
N ILE B 41 37.35 3.29 -15.05
CA ILE B 41 37.90 2.38 -16.06
C ILE B 41 39.39 2.58 -16.27
N SER B 42 39.84 3.83 -16.39
CA SER B 42 41.21 4.15 -16.74
C SER B 42 41.69 5.37 -15.96
N GLY B 43 41.45 5.35 -14.66
CA GLY B 43 41.54 6.55 -13.86
C GLY B 43 40.41 7.53 -14.06
N ARG B 44 39.58 7.36 -15.10
CA ARG B 44 38.47 8.28 -15.39
C ARG B 44 37.22 7.78 -14.66
N LEU B 45 36.78 8.56 -13.68
CA LEU B 45 35.57 8.25 -12.95
C LEU B 45 34.34 8.48 -13.82
N ARG B 46 33.40 7.53 -13.77
CA ARG B 46 32.20 7.59 -14.60
C ARG B 46 30.95 7.32 -13.77
N GLU B 48 26.62 6.82 -14.42
CA GLU B 48 25.49 6.73 -15.36
C GLU B 48 24.42 7.72 -14.93
N GLY B 49 24.72 8.99 -15.16
CA GLY B 49 23.93 10.14 -14.75
C GLY B 49 24.36 10.68 -13.40
N GLU B 50 24.14 11.97 -13.20
CA GLU B 50 24.63 12.60 -11.98
C GLU B 50 23.97 13.96 -11.81
N VAL B 51 23.98 14.46 -10.58
CA VAL B 51 23.58 15.83 -10.32
C VAL B 51 24.71 16.53 -9.59
N ARG B 52 25.09 17.69 -10.11
CA ARG B 52 26.13 18.55 -9.56
C ARG B 52 25.47 19.74 -8.90
N ALA B 53 25.74 19.94 -7.62
CA ALA B 53 25.20 21.06 -6.87
C ALA B 53 26.27 21.61 -5.92
N GLU B 54 26.25 22.93 -5.73
CA GLU B 54 27.13 23.61 -4.79
C GLU B 54 26.30 24.31 -3.74
N GLY B 55 26.70 24.20 -2.47
CA GLY B 55 25.96 24.90 -1.43
C GLY B 55 26.38 24.47 -0.03
N GLU B 56 25.48 24.71 0.93
CA GLU B 56 25.74 24.33 2.31
C GLU B 56 25.63 22.82 2.47
N LEU B 57 26.74 22.20 2.87
CA LEU B 57 26.82 20.78 3.14
C LEU B 57 26.77 20.54 4.64
N THR B 58 25.88 19.66 5.08
CA THR B 58 25.96 19.05 6.40
C THR B 58 26.09 17.55 6.19
N ALA B 59 27.17 16.96 6.69
CA ALA B 59 27.41 15.54 6.46
C ALA B 59 27.64 14.81 7.78
N LEU B 60 26.85 13.78 8.01
CA LEU B 60 26.85 13.04 9.27
C LEU B 60 27.26 11.60 8.98
N THR B 61 28.18 11.08 9.77
CA THR B 61 28.52 9.66 9.67
C THR B 61 28.15 8.99 10.98
N TYR B 62 27.24 8.02 10.94
CA TYR B 62 26.82 7.33 12.16
C TYR B 62 27.41 5.92 12.19
N ARG B 63 27.87 5.51 13.37
CA ARG B 63 28.14 4.10 13.68
C ARG B 63 26.88 3.49 14.27
N LEU B 64 26.36 2.44 13.63
CA LEU B 64 25.11 1.88 14.10
C LEU B 64 25.36 0.97 15.30
N PRO B 65 24.42 0.92 16.24
CA PRO B 65 24.51 -0.04 17.35
C PRO B 65 24.74 -1.45 16.82
N PRO B 66 25.53 -2.25 17.53
CA PRO B 66 25.96 -3.54 16.96
C PRO B 66 24.83 -4.52 16.70
N GLU B 67 23.71 -4.39 17.42
CA GLU B 67 22.61 -5.36 17.33
C GLU B 67 21.67 -5.09 16.17
N HIS B 68 21.93 -4.06 15.36
CA HIS B 68 21.06 -3.73 14.23
C HIS B 68 21.87 -3.58 12.95
N SER B 69 21.20 -3.84 11.83
CA SER B 69 21.87 -3.89 10.54
C SER B 69 21.84 -2.53 9.87
N SER B 70 22.80 -2.35 8.97
CA SER B 70 22.78 -1.17 8.12
C SER B 70 21.53 -1.15 7.26
N GLN B 71 21.06 -2.33 6.82
CA GLN B 71 19.86 -2.40 5.99
C GLN B 71 18.65 -1.90 6.76
N GLU B 72 18.53 -2.30 8.03
CA GLU B 72 17.44 -1.81 8.85
C GLU B 72 17.48 -0.29 8.98
N ALA B 73 18.68 0.24 9.22
CA ALA B 73 18.81 1.69 9.37
C ALA B 73 18.51 2.40 8.06
N PHE B 74 19.02 1.87 6.96
CA PHE B 74 18.74 2.47 5.66
C PHE B 74 17.24 2.50 5.39
N ALA B 75 16.54 1.38 5.66
CA ALA B 75 15.10 1.33 5.42
C ALA B 75 14.34 2.34 6.26
N ALA B 76 14.76 2.51 7.51
CA ALA B 76 14.12 3.49 8.37
C ALA B 76 14.38 4.90 7.87
N ALA B 77 15.59 5.16 7.36
CA ALA B 77 15.92 6.47 6.80
C ALA B 77 15.11 6.76 5.53
N ARG B 78 15.06 5.78 4.63
CA ARG B 78 14.26 5.92 3.42
C ARG B 78 12.80 6.17 3.77
N THR B 79 12.24 5.36 4.68
CA THR B 79 10.86 5.57 5.11
C THR B 79 10.67 6.99 5.61
N ALA B 80 11.60 7.48 6.45
CA ALA B 80 11.42 8.81 7.03
C ALA B 80 11.51 9.89 5.97
N LEU B 81 12.51 9.81 5.09
CA LEU B 81 12.63 10.86 4.08
C LEU B 81 11.42 10.88 3.17
N LEU B 82 10.90 9.70 2.78
CA LEU B 82 9.74 9.68 1.88
C LEU B 82 8.46 10.11 2.60
N LYS B 83 8.36 9.80 3.88
CA LYS B 83 7.26 10.25 4.70
C LYS B 83 7.28 11.76 4.86
N ALA B 84 8.46 12.38 4.83
CA ALA B 84 8.59 13.83 4.79
C ALA B 84 8.35 14.41 3.39
N ASP B 85 7.78 13.63 2.49
CA ASP B 85 7.39 14.07 1.15
C ASP B 85 8.57 14.50 0.29
N ALA B 86 9.76 13.94 0.56
CA ALA B 86 10.89 14.18 -0.32
C ALA B 86 10.68 13.45 -1.64
N THR B 87 11.05 14.09 -2.73
CA THR B 87 10.92 13.46 -4.04
C THR B 87 12.08 12.50 -4.27
N PRO B 88 11.84 11.22 -4.57
CA PRO B 88 12.96 10.29 -4.82
C PRO B 88 13.63 10.57 -6.14
N LEU B 89 14.96 10.57 -6.14
CA LEU B 89 15.72 10.75 -7.38
C LEU B 89 16.48 9.50 -7.80
N PHE B 90 17.00 8.74 -6.85
CA PHE B 90 17.72 7.53 -7.19
C PHE B 90 17.80 6.64 -5.98
N TRP B 91 17.73 5.34 -6.22
CA TRP B 91 17.88 4.33 -5.20
C TRP B 91 18.59 3.15 -5.84
N CYS B 92 19.59 2.58 -5.16
CA CYS B 92 20.21 1.35 -5.62
C CYS B 92 20.67 0.56 -4.40
N GLU B 93 21.03 -0.69 -4.64
CA GLU B 93 21.62 -1.48 -3.56
C GLU B 93 22.54 -2.54 -4.15
N ARG B 94 23.49 -2.98 -3.34
CA ARG B 94 24.38 -4.06 -3.69
C ARG B 94 25.22 -3.68 -4.91
N ARG B 95 25.49 -4.66 -5.80
CA ARG B 95 26.34 -4.47 -6.97
C ARG B 95 25.83 -3.37 -7.88
N ASP B 96 24.51 -3.15 -7.92
CA ASP B 96 23.93 -2.19 -8.85
C ASP B 96 24.46 -0.77 -8.67
N CYS B 97 24.94 -0.42 -7.47
CA CYS B 97 25.45 0.94 -7.27
C CYS B 97 26.83 1.14 -7.88
N GLY B 98 27.55 0.07 -8.15
CA GLY B 98 28.93 0.16 -8.53
C GLY B 98 29.81 -0.03 -7.32
N SER B 99 31.05 0.43 -7.45
CA SER B 99 32.02 0.20 -6.40
C SER B 99 31.71 0.99 -5.13
N SER B 100 31.65 0.28 -4.00
CA SER B 100 31.57 0.94 -2.68
C SER B 100 32.78 1.84 -2.43
N SER B 101 33.98 1.40 -2.78
CA SER B 101 35.13 2.27 -2.56
C SER B 101 34.97 3.60 -3.28
N LEU B 102 34.34 3.59 -4.47
CA LEU B 102 34.22 4.85 -5.20
C LEU B 102 33.18 5.76 -4.57
N LEU B 103 32.04 5.21 -4.15
CA LEU B 103 31.07 5.99 -3.42
C LEU B 103 31.66 6.52 -2.12
N ALA B 104 32.33 5.65 -1.37
CA ALA B 104 32.86 6.07 -0.08
C ALA B 104 33.87 7.19 -0.26
N ASN B 105 34.82 7.00 -1.18
CA ASN B 105 35.90 7.97 -1.32
C ASN B 105 35.60 9.08 -2.33
N ALA B 106 35.10 8.75 -3.52
CA ALA B 106 34.94 9.81 -4.54
C ALA B 106 33.67 10.65 -4.36
N VAL B 107 32.63 10.10 -3.73
CA VAL B 107 31.40 10.87 -3.57
C VAL B 107 31.31 11.47 -2.17
N PHE B 108 31.39 10.61 -1.15
CA PHE B 108 31.22 11.06 0.23
C PHE B 108 32.54 11.43 0.90
N GLY B 109 33.67 11.07 0.31
CA GLY B 109 34.96 11.35 0.93
C GLY B 109 35.07 10.89 2.37
N ASN B 110 34.75 9.63 2.64
CA ASN B 110 34.89 9.09 3.99
C ASN B 110 35.19 7.61 3.91
N ALA B 111 36.44 7.24 4.24
CA ALA B 111 36.89 5.88 3.97
C ALA B 111 36.22 4.86 4.89
N LYS B 112 35.64 5.28 6.00
CA LYS B 112 34.88 4.35 6.83
C LYS B 112 33.74 3.69 6.06
N LEU B 113 33.25 4.31 4.98
CA LEU B 113 32.05 3.82 4.29
C LEU B 113 32.35 2.71 3.28
N TYR B 114 33.62 2.36 3.10
CA TYR B 114 34.03 1.39 2.09
C TYR B 114 33.82 -0.01 2.65
N GLY B 115 33.04 -0.81 1.92
CA GLY B 115 32.76 -2.17 2.30
C GLY B 115 32.45 -3.05 1.10
N PRO B 116 32.04 -4.29 1.36
CA PRO B 116 31.64 -5.18 0.27
C PRO B 116 30.46 -4.58 -0.49
N ASP B 117 30.52 -4.63 -1.83
CA ASP B 117 29.44 -4.09 -2.64
C ASP B 117 28.10 -4.71 -2.25
N GLU B 118 28.10 -5.98 -1.88
CA GLU B 118 26.84 -6.65 -1.62
C GLU B 118 26.14 -6.12 -0.37
N GLN B 119 26.82 -5.31 0.46
CA GLN B 119 26.24 -4.83 1.70
C GLN B 119 25.92 -3.33 1.68
N GLN B 120 25.96 -2.70 0.51
CA GLN B 120 25.72 -1.28 0.45
C GLN B 120 24.32 -0.96 -0.07
N ALA B 121 23.88 0.24 0.25
CA ALA B 121 22.65 0.83 -0.30
C ALA B 121 22.80 2.34 -0.33
N TYR B 122 22.19 2.96 -1.34
CA TYR B 122 22.32 4.39 -1.65
C TYR B 122 20.96 4.95 -2.06
N LEU B 123 20.59 6.09 -1.48
CA LEU B 123 19.36 6.83 -1.77
C LEU B 123 19.70 8.28 -1.97
N LEU B 124 19.10 8.91 -2.99
CA LEU B 124 19.15 10.34 -3.18
C LEU B 124 17.74 10.90 -3.39
N VAL B 125 17.37 11.91 -2.58
CA VAL B 125 16.06 12.55 -2.65
C VAL B 125 16.26 14.06 -2.74
N ARG B 126 15.21 14.74 -3.19
CA ARG B 126 15.13 16.20 -3.17
C ARG B 126 14.02 16.59 -2.21
N LEU B 127 14.34 17.41 -1.23
CA LEU B 127 13.39 17.69 -0.17
C LEU B 127 12.26 18.61 -0.65
N ALA B 128 11.11 18.48 0.01
CA ALA B 128 10.02 19.37 -0.36
C ALA B 128 10.23 20.76 0.27
N ALA B 129 9.58 21.77 -0.33
CA ALA B 129 9.48 23.11 0.26
C ALA B 129 9.15 22.92 1.73
N PRO B 130 9.61 23.81 2.62
CA PRO B 130 10.39 25.01 2.33
C PRO B 130 11.87 24.74 2.10
N GLN B 131 12.29 23.47 1.97
CA GLN B 131 13.67 23.13 1.63
C GLN B 131 13.78 22.61 0.19
N GLU B 132 13.08 23.27 -0.74
CA GLU B 132 12.86 22.68 -2.06
C GLU B 132 14.13 22.58 -2.91
N ASN B 133 15.18 23.31 -2.56
CA ASN B 133 16.42 23.20 -3.30
C ASN B 133 17.50 22.44 -2.50
N SER B 134 17.07 21.60 -1.58
CA SER B 134 17.98 20.74 -0.82
C SER B 134 17.97 19.33 -1.38
N LEU B 135 19.15 18.73 -1.42
CA LEU B 135 19.34 17.33 -1.69
C LEU B 135 19.77 16.62 -0.40
N VAL B 136 19.36 15.37 -0.27
CA VAL B 136 19.78 14.54 0.86
C VAL B 136 20.18 13.20 0.28
N ALA B 137 21.37 12.75 0.67
CA ALA B 137 21.96 11.49 0.26
C ALA B 137 22.12 10.61 1.49
N VAL B 138 21.78 9.33 1.34
CA VAL B 138 21.94 8.36 2.42
C VAL B 138 22.73 7.18 1.86
N TYR B 139 23.76 6.77 2.57
CA TYR B 139 24.54 5.61 2.16
C TYR B 139 24.74 4.72 3.38
N SER B 140 24.44 3.42 3.24
CA SER B 140 24.58 2.50 4.35
C SER B 140 25.53 1.38 3.93
N ILE B 141 26.24 0.85 4.90
CA ILE B 141 27.26 -0.17 4.62
C ILE B 141 27.47 -1.01 5.86
N THR B 142 27.67 -2.31 5.66
CA THR B 142 28.15 -3.22 6.68
C THR B 142 29.52 -3.70 6.26
N ARG B 143 30.52 -3.36 7.05
CA ARG B 143 31.92 -3.57 6.70
C ARG B 143 32.35 -4.97 7.09
N GLY B 144 33.51 -5.37 6.57
CA GLY B 144 34.10 -6.67 6.86
C GLY B 144 34.22 -7.02 8.34
N ASN B 145 33.62 -6.20 9.21
CA ASN B 145 33.47 -6.49 10.64
C ASN B 145 31.97 -6.56 10.98
N ARG B 146 31.66 -6.62 12.28
CA ARG B 146 30.34 -6.24 12.77
C ARG B 146 30.16 -4.73 12.80
N ARG B 147 30.81 -4.05 11.86
CA ARG B 147 30.83 -2.61 11.78
C ARG B 147 29.82 -2.17 10.72
N ALA B 148 28.83 -1.39 11.14
CA ALA B 148 27.82 -0.87 10.23
C ALA B 148 27.75 0.65 10.37
N TYR B 149 27.65 1.31 9.24
CA TYR B 149 27.61 2.77 9.21
C TYR B 149 26.46 3.25 8.35
N LEU B 150 26.00 4.47 8.65
CA LEU B 150 25.06 5.18 7.78
C LEU B 150 25.54 6.62 7.62
N GLN B 151 25.76 7.04 6.37
CA GLN B 151 26.07 8.42 6.00
C GLN B 151 24.78 9.12 5.62
N ALA B 152 24.56 10.33 6.16
CA ALA B 152 23.42 11.18 5.82
C ALA B 152 23.95 12.58 5.57
N GLU B 153 23.76 13.07 4.34
CA GLU B 153 24.24 14.36 3.90
C GLU B 153 23.10 15.18 3.38
N GLU B 154 23.06 16.46 3.78
CA GLU B 154 22.16 17.47 3.18
C GLU B 154 22.98 18.55 2.46
N LEU B 155 22.60 18.85 1.24
CA LEU B 155 23.22 19.90 0.44
C LEU B 155 22.14 20.92 0.06
N LYS B 156 22.22 22.12 0.64
CA LYS B 156 21.27 23.19 0.34
C LYS B 156 21.85 24.03 -0.79
N ALA B 157 21.38 23.76 -2.02
CA ALA B 157 22.03 24.32 -3.18
C ALA B 157 21.92 25.84 -3.12
N ASP B 158 22.93 26.50 -3.70
CA ASP B 158 23.04 27.96 -3.69
C ASP B 158 22.33 28.60 -4.86
N ALA B 159 21.92 27.81 -5.84
CA ALA B 159 21.10 28.23 -6.94
C ALA B 159 19.98 27.18 -7.13
N PRO B 160 18.87 27.60 -7.69
CA PRO B 160 17.76 26.64 -7.88
C PRO B 160 18.23 25.39 -8.62
N LEU B 161 17.77 24.23 -8.16
CA LEU B 161 18.13 22.99 -8.83
C LEU B 161 17.41 22.90 -10.17
N ALA B 162 17.99 22.13 -11.08
CA ALA B 162 17.29 21.82 -12.32
C ALA B 162 16.07 20.93 -12.04
N GLU B 163 15.27 20.72 -13.07
CA GLU B 163 14.17 19.77 -12.97
C GLU B 163 14.76 18.37 -12.89
N LEU B 164 14.76 17.79 -11.70
CA LEU B 164 15.40 16.51 -11.44
C LEU B 164 14.34 15.43 -11.29
N LEU B 165 14.45 14.38 -12.11
CA LEU B 165 13.45 13.32 -12.10
C LEU B 165 14.11 11.97 -11.92
N PRO B 166 13.51 11.07 -11.13
CA PRO B 166 14.00 9.68 -11.14
C PRO B 166 13.71 9.03 -12.49
N SER B 167 14.35 7.88 -12.74
CA SER B 167 13.96 7.06 -13.87
C SER B 167 12.63 6.37 -13.57
N PRO B 168 11.90 5.95 -14.61
CA PRO B 168 10.71 5.13 -14.35
C PRO B 168 11.03 3.93 -13.49
N ALA B 169 12.14 3.24 -13.78
CA ALA B 169 12.52 2.06 -13.02
C ALA B 169 12.70 2.38 -11.54
N THR B 170 13.39 3.48 -11.24
CA THR B 170 13.63 3.86 -9.85
C THR B 170 12.32 4.20 -9.14
N LEU B 171 11.44 4.92 -9.82
CA LEU B 171 10.16 5.30 -9.21
C LEU B 171 9.33 4.05 -8.89
N LEU B 172 9.23 3.13 -9.85
CA LEU B 172 8.51 1.89 -9.62
C LEU B 172 9.13 1.10 -8.46
N ARG B 173 10.46 0.94 -8.45
CA ARG B 173 11.06 0.12 -7.39
C ARG B 173 10.83 0.72 -6.01
N LEU B 174 10.97 2.05 -5.87
CA LEU B 174 10.77 2.68 -4.56
C LEU B 174 9.31 2.67 -4.14
N LEU B 175 8.39 2.80 -5.09
CA LEU B 175 6.99 2.72 -4.73
C LEU B 175 6.65 1.35 -4.14
N LYS B 176 7.19 0.30 -4.72
CA LYS B 176 6.95 -1.05 -4.22
C LYS B 176 7.65 -1.27 -2.89
N ALA B 177 8.87 -0.75 -2.74
CA ALA B 177 9.66 -1.04 -1.54
C ALA B 177 9.16 -0.25 -0.33
N ASN B 178 8.76 0.99 -0.53
CA ASN B 178 8.23 1.84 0.54
C ASN B 178 6.71 1.83 0.64
N GLY B 179 6.02 1.32 -0.39
CA GLY B 179 4.58 1.30 -0.42
C GLY B 179 3.93 2.61 -0.81
N GLU B 180 4.64 3.72 -0.73
CA GLU B 180 4.06 5.03 -1.02
C GLU B 180 5.20 6.01 -1.14
N LEU B 181 4.93 7.15 -1.75
CA LEU B 181 5.89 8.24 -1.83
C LEU B 181 5.19 9.48 -2.37
N THR B 182 5.87 10.61 -2.29
CA THR B 182 5.28 11.87 -2.76
C THR B 182 6.16 12.49 -3.82
N LEU B 183 5.54 12.99 -4.89
CA LEU B 183 6.24 13.80 -5.89
C LEU B 183 5.96 15.26 -5.56
N SER B 184 6.92 15.90 -4.91
CA SER B 184 6.76 17.22 -4.32
C SER B 184 7.26 18.36 -5.20
N HIS B 185 7.71 18.08 -6.42
CA HIS B 185 8.20 19.14 -7.31
C HIS B 185 7.54 19.08 -8.68
N VAL B 186 6.29 18.62 -8.75
CA VAL B 186 5.62 18.51 -10.05
C VAL B 186 4.96 19.86 -10.31
N PRO B 187 4.69 20.24 -11.55
CA PRO B 187 4.00 21.53 -11.78
C PRO B 187 2.54 21.44 -11.34
N ALA B 188 1.98 22.61 -11.01
CA ALA B 188 0.57 22.69 -10.63
C ALA B 188 -0.34 22.17 -11.72
N GLU B 189 -0.01 22.44 -12.99
CA GLU B 189 -0.80 21.94 -14.11
C GLU B 189 -0.13 20.68 -14.66
N PRO B 190 -0.81 19.52 -14.70
CA PRO B 190 -0.13 18.29 -15.14
C PRO B 190 0.26 18.35 -16.61
N ALA B 191 1.56 18.32 -16.86
CA ALA B 191 2.06 18.32 -18.22
C ALA B 191 3.54 17.99 -18.12
N GLY B 192 4.21 17.97 -19.26
CA GLY B 192 5.66 17.89 -19.36
C GLY B 192 6.26 16.59 -18.86
N SER B 193 7.49 16.72 -18.36
CA SER B 193 8.30 15.54 -18.05
C SER B 193 7.70 14.68 -16.94
N TRP B 194 7.08 15.31 -15.93
CA TRP B 194 6.58 14.52 -14.82
C TRP B 194 5.39 13.66 -15.25
N LEU B 195 4.53 14.21 -16.12
CA LEU B 195 3.44 13.40 -16.66
C LEU B 195 3.96 12.21 -17.47
N GLU B 196 4.87 12.46 -18.41
CA GLU B 196 5.48 11.34 -19.14
C GLU B 196 6.04 10.28 -18.20
N LEU B 197 6.73 10.72 -17.13
CA LEU B 197 7.38 9.77 -16.24
C LEU B 197 6.39 8.89 -15.51
N LEU B 198 5.30 9.49 -15.02
CA LEU B 198 4.26 8.69 -14.38
C LEU B 198 3.67 7.68 -15.34
N VAL B 199 3.46 8.07 -16.58
CA VAL B 199 2.88 7.14 -17.55
C VAL B 199 3.84 6.00 -17.82
N ARG B 200 5.12 6.32 -18.13
CA ARG B 200 6.14 5.29 -18.34
C ARG B 200 6.27 4.39 -17.14
N THR B 201 6.16 4.97 -15.93
CA THR B 201 6.31 4.18 -14.72
C THR B 201 5.19 3.15 -14.65
N LEU B 202 3.94 3.59 -14.87
CA LEU B 202 2.79 2.69 -14.87
C LEU B 202 2.81 1.70 -16.03
N ARG B 203 3.43 2.04 -17.15
CA ARG B 203 3.54 1.09 -18.25
C ARG B 203 4.70 0.11 -18.08
N LEU B 204 5.56 0.33 -17.09
CA LEU B 204 6.62 -0.63 -16.81
C LEU B 204 6.04 -1.91 -16.20
N ASP B 205 5.01 -1.77 -15.35
CA ASP B 205 4.33 -2.94 -14.77
C ASP B 205 2.83 -2.69 -14.79
N THR B 206 2.14 -3.24 -15.80
CA THR B 206 0.73 -2.90 -15.96
C THR B 206 -0.16 -3.51 -14.87
N GLY B 207 0.41 -4.33 -13.96
CA GLY B 207 -0.30 -4.82 -12.80
C GLY B 207 -0.39 -3.85 -11.64
N VAL B 208 0.25 -2.71 -11.75
CA VAL B 208 0.33 -1.75 -10.67
C VAL B 208 -0.89 -0.84 -10.71
N ARG B 209 -1.59 -0.77 -9.59
CA ARG B 209 -2.65 0.18 -9.35
C ARG B 209 -2.19 1.13 -8.27
N VAL B 210 -2.57 2.41 -8.38
CA VAL B 210 -2.16 3.42 -7.41
C VAL B 210 -3.33 4.27 -6.97
N GLU B 211 -3.31 4.67 -5.71
CA GLU B 211 -4.10 5.79 -5.21
C GLU B 211 -3.31 7.09 -5.28
N LEU B 212 -3.92 8.11 -5.87
CA LEU B 212 -3.35 9.45 -5.96
C LEU B 212 -4.03 10.34 -4.92
N SER B 213 -3.24 11.10 -4.18
CA SER B 213 -3.80 12.07 -3.26
C SER B 213 -2.93 13.31 -3.25
N GLY B 214 -3.45 14.38 -2.66
CA GLY B 214 -2.82 15.68 -2.68
C GLY B 214 -3.71 16.72 -3.34
N LYS B 215 -3.24 17.96 -3.25
CA LYS B 215 -4.00 19.13 -3.69
C LYS B 215 -4.53 18.99 -5.11
N HIS B 216 -3.72 18.46 -6.02
CA HIS B 216 -4.07 18.40 -7.43
C HIS B 216 -4.22 16.96 -7.90
N ALA B 217 -4.56 16.06 -6.98
CA ALA B 217 -4.65 14.65 -7.34
C ALA B 217 -5.67 14.44 -8.46
N GLN B 218 -6.78 15.15 -8.39
CA GLN B 218 -7.81 14.97 -9.42
C GLN B 218 -7.30 15.40 -10.80
N GLU B 219 -6.69 16.58 -10.88
CA GLU B 219 -6.10 17.03 -12.14
C GLU B 219 -5.11 15.99 -12.69
N TRP B 220 -4.26 15.45 -11.81
CA TRP B 220 -3.26 14.46 -12.24
C TRP B 220 -3.94 13.18 -12.72
N ARG B 221 -4.96 12.71 -12.00
CA ARG B 221 -5.66 11.51 -12.45
C ARG B 221 -6.26 11.72 -13.84
N ASP B 222 -6.91 12.87 -14.05
CA ASP B 222 -7.51 13.15 -15.35
C ASP B 222 -6.47 13.30 -16.45
N ALA B 223 -5.32 13.90 -16.13
CA ALA B 223 -4.26 13.99 -17.12
C ALA B 223 -3.74 12.60 -17.48
N LEU B 224 -3.58 11.73 -16.47
CA LEU B 224 -3.08 10.38 -16.71
C LEU B 224 -4.06 9.62 -17.59
N ARG B 225 -5.35 9.74 -17.29
CA ARG B 225 -6.39 9.19 -18.16
C ARG B 225 -6.23 9.68 -19.60
N GLY B 226 -5.96 10.98 -19.77
CA GLY B 226 -5.78 11.56 -21.10
C GLY B 226 -4.56 11.02 -21.84
N GLN B 227 -3.61 10.43 -21.12
CA GLN B 227 -2.47 9.81 -21.75
C GLN B 227 -2.72 8.34 -22.07
N GLY B 228 -3.90 7.81 -21.73
CA GLY B 228 -4.23 6.41 -21.94
C GLY B 228 -4.04 5.49 -20.78
N VAL B 229 -3.68 6.00 -19.61
CA VAL B 229 -3.68 5.14 -18.43
C VAL B 229 -5.12 4.77 -18.12
N LEU B 230 -5.36 3.47 -17.98
CA LEU B 230 -6.69 2.98 -17.70
C LEU B 230 -7.20 3.58 -16.41
N ASN B 231 -8.46 4.00 -16.45
CA ASN B 231 -9.06 4.55 -15.23
C ASN B 231 -9.13 3.53 -14.12
N SER B 232 -9.25 2.25 -14.45
CA SER B 232 -9.40 1.24 -13.42
C SER B 232 -8.10 1.02 -12.63
N ARG B 233 -6.98 1.56 -13.11
CA ARG B 233 -5.71 1.41 -12.40
C ARG B 233 -5.51 2.46 -11.33
N GLU B 235 -7.15 5.31 -8.23
CA GLU B 235 -8.16 5.75 -7.30
C GLU B 235 -7.74 7.10 -6.78
N LEU B 236 -8.68 7.81 -6.20
CA LEU B 236 -8.41 9.11 -5.59
C LEU B 236 -8.63 9.01 -4.10
N GLY B 237 -7.64 9.47 -3.34
CA GLY B 237 -7.72 9.52 -1.89
C GLY B 237 -7.68 10.96 -1.41
N GLN B 238 -7.75 11.10 -0.10
CA GLN B 238 -7.85 12.40 0.56
C GLN B 238 -6.55 12.71 1.29
N SER B 239 -5.87 13.76 0.86
CA SER B 239 -4.68 14.27 1.52
C SER B 239 -4.54 15.73 1.15
N GLU B 240 -4.01 16.51 2.08
CA GLU B 240 -3.78 17.93 1.85
C GLU B 240 -2.35 18.22 1.40
N VAL B 241 -1.50 17.19 1.29
CA VAL B 241 -0.12 17.47 0.91
C VAL B 241 -0.11 18.20 -0.44
N GLU B 242 0.90 19.06 -0.61
CA GLU B 242 1.00 19.95 -1.76
CA GLU B 242 0.98 19.95 -1.76
C GLU B 242 1.38 19.21 -3.03
N GLY B 243 2.21 18.17 -2.93
CA GLY B 243 2.63 17.40 -4.09
C GLY B 243 1.65 16.27 -4.41
N LEU B 244 2.07 15.43 -5.34
CA LEU B 244 1.29 14.27 -5.72
C LEU B 244 1.75 13.07 -4.90
N HIS B 245 0.88 12.62 -3.98
CA HIS B 245 1.14 11.42 -3.21
C HIS B 245 0.60 10.19 -3.93
N LEU B 246 1.44 9.15 -4.01
CA LEU B 246 1.07 7.87 -4.59
C LEU B 246 1.13 6.77 -3.53
N ASN B 247 0.10 5.93 -3.49
CA ASN B 247 0.09 4.77 -2.61
C ASN B 247 -0.13 3.52 -3.46
N TRP B 248 0.76 2.55 -3.34
CA TRP B 248 0.65 1.32 -4.12
C TRP B 248 -0.51 0.47 -3.60
N LEU B 249 -1.46 0.15 -4.46
CA LEU B 249 -2.63 -0.64 -4.04
C LEU B 249 -2.37 -2.06 -4.53
N ARG B 250 -1.61 -2.79 -3.72
CA ARG B 250 -0.98 -4.01 -4.16
C ARG B 250 -2.03 -5.10 -4.13
#